data_9AV1
#
_entry.id   9AV1
#
_cell.length_a   113.485
_cell.length_b   113.485
_cell.length_c   55.475
_cell.angle_alpha   90.00
_cell.angle_beta   90.00
_cell.angle_gamma   90.00
#
_symmetry.space_group_name_H-M   'I 4'
#
loop_
_entity.id
_entity.type
_entity.pdbx_description
1 polymer "Inosine-5'-monophosphate dehydrogenase"
2 non-polymer 'INOSINIC ACID'
3 non-polymer N-(6-chloropyridin-3-yl)-N~2~-(1,4-dihydro-2H-pyrano[3,4-c]quinolin-9-yl)-L-alaninamide
4 water water
#
_entity_poly.entity_id   1
_entity_poly.type   'polypeptide(L)'
_entity_poly.pdbx_seq_one_letter_code
;MHHHHHHGENLYFQGSLRIAKEALTFDDVLLVPAHSTVLPNTADLSTQLTKTIRLNIPMLSAAMDTVTEARLAIALAQEG
GIGFIHKNMSIERQAEEVRRVKKHSGGLRVGAAVGAGAGNEERVDALVAAGVDVLLIDSSHGHSEGVLQRIRETRAKYPD
LQIIGGNVATAAGARALAEAGCSAVKVGIGPGSICTTRIVTGVGVPQITAVADAVEALEGTGIPVIADGGIRFSGDIAKA
IAAGASAVMVGSMLAGTEESPGEIELYQGRSYKSYRGMGSLGAMSKGSSDRYFQSDNAADKLVPEGIEGRVAYKGRLKEI
IHQQMGGLRSCMGLTGCGTIDELRTKAEFVRISGAGIQESHVHDVTITKESPNYRLGSGNS
;
_entity_poly.pdbx_strand_id   A
#
loop_
_chem_comp.id
_chem_comp.type
_chem_comp.name
_chem_comp.formula
IMP non-polymer 'INOSINIC ACID' 'C10 H13 N4 O8 P'
VOA non-polymer N-(6-chloropyridin-3-yl)-N~2~-(1,4-dihydro-2H-pyrano[3,4-c]quinolin-9-yl)-L-alaninamide 'C20 H19 Cl N4 O2'
#
# COMPACT_ATOMS: atom_id res chain seq x y z
N SER A 16 -17.05 9.35 31.44
CA SER A 16 -15.72 8.76 31.28
C SER A 16 -15.28 8.83 29.82
N LEU A 17 -14.01 9.18 29.61
CA LEU A 17 -13.44 9.30 28.26
C LEU A 17 -13.55 7.94 27.55
N ARG A 18 -14.12 7.92 26.31
CA ARG A 18 -14.32 6.67 25.57
C ARG A 18 -13.04 6.21 24.83
N ILE A 19 -12.05 5.72 25.61
CA ILE A 19 -10.78 5.21 25.07
C ILE A 19 -10.92 3.73 24.81
N ALA A 20 -11.00 3.35 23.53
CA ALA A 20 -11.12 1.97 23.09
C ALA A 20 -9.91 1.11 23.48
N LYS A 21 -8.67 1.69 23.40
CA LYS A 21 -7.39 1.01 23.67
C LYS A 21 -6.20 1.95 23.44
N GLU A 22 -4.98 1.49 23.78
CA GLU A 22 -3.75 2.20 23.44
C GLU A 22 -3.36 1.68 22.05
N ALA A 23 -2.77 2.52 21.22
CA ALA A 23 -2.39 2.09 19.87
C ALA A 23 -0.96 2.45 19.57
N LEU A 24 -0.25 1.53 18.90
CA LEU A 24 1.18 1.60 18.65
C LEU A 24 1.53 1.88 17.19
N THR A 25 2.59 2.64 17.01
CA THR A 25 3.13 2.97 15.70
C THR A 25 4.47 2.25 15.52
N PHE A 26 5.08 2.32 14.30
CA PHE A 26 6.35 1.63 14.02
C PHE A 26 7.43 1.89 15.07
N ASP A 27 7.57 3.18 15.46
CA ASP A 27 8.64 3.57 16.39
C ASP A 27 8.44 3.03 17.82
N ASP A 28 7.20 2.60 18.17
CA ASP A 28 6.90 2.05 19.49
C ASP A 28 7.41 0.67 19.74
N VAL A 29 7.76 -0.07 18.66
CA VAL A 29 8.17 -1.46 18.81
C VAL A 29 9.49 -1.81 18.07
N LEU A 30 10.07 -2.95 18.46
CA LEU A 30 11.24 -3.55 17.82
C LEU A 30 11.01 -5.03 17.72
N LEU A 31 11.56 -5.66 16.68
CA LEU A 31 11.46 -7.09 16.49
C LEU A 31 12.52 -7.82 17.28
N VAL A 32 12.18 -8.99 17.76
CA VAL A 32 13.05 -9.77 18.63
C VAL A 32 13.90 -10.77 17.85
N PRO A 33 15.24 -10.80 18.06
CA PRO A 33 16.06 -11.79 17.34
C PRO A 33 15.73 -13.19 17.90
N ALA A 34 15.74 -14.22 17.03
CA ALA A 34 15.40 -15.56 17.52
C ALA A 34 16.29 -16.60 16.86
N HIS A 35 16.19 -17.84 17.34
CA HIS A 35 16.95 -18.94 16.75
C HIS A 35 16.76 -18.93 15.22
N SER A 36 17.86 -19.05 14.47
CA SER A 36 17.76 -18.98 13.02
C SER A 36 18.60 -19.97 12.25
N THR A 37 18.00 -20.56 11.22
CA THR A 37 18.69 -21.42 10.25
C THR A 37 18.59 -20.67 8.92
N VAL A 38 18.11 -19.40 8.97
CA VAL A 38 17.85 -18.54 7.81
C VAL A 38 19.02 -17.60 7.47
N LEU A 39 19.57 -17.71 6.26
CA LEU A 39 20.60 -16.78 5.82
C LEU A 39 19.85 -15.71 5.07
N PRO A 40 20.21 -14.40 5.15
CA PRO A 40 19.45 -13.39 4.41
C PRO A 40 19.33 -13.65 2.91
N ASN A 41 20.38 -14.24 2.28
CA ASN A 41 20.35 -14.55 0.85
C ASN A 41 19.39 -15.72 0.50
N THR A 42 19.05 -16.59 1.48
CA THR A 42 18.16 -17.73 1.30
C THR A 42 16.67 -17.39 1.53
N ALA A 43 16.39 -16.22 2.16
CA ALA A 43 15.02 -15.78 2.45
C ALA A 43 14.12 -15.66 1.22
N ASP A 44 12.91 -16.17 1.36
CA ASP A 44 11.88 -16.16 0.33
C ASP A 44 10.98 -14.99 0.60
N LEU A 45 10.99 -14.00 -0.31
CA LEU A 45 10.18 -12.80 -0.19
C LEU A 45 8.81 -12.87 -0.88
N SER A 46 8.44 -14.04 -1.47
CA SER A 46 7.15 -14.12 -2.17
C SER A 46 5.95 -13.99 -1.23
N THR A 47 4.86 -13.41 -1.73
CA THR A 47 3.66 -13.25 -0.89
C THR A 47 2.37 -13.32 -1.69
N GLN A 48 1.27 -13.72 -1.04
CA GLN A 48 -0.04 -13.74 -1.70
C GLN A 48 -0.67 -12.38 -1.48
N LEU A 49 -0.82 -11.59 -2.56
CA LEU A 49 -1.49 -10.30 -2.51
C LEU A 49 -3.02 -10.60 -2.36
N THR A 50 -3.47 -11.69 -3.01
CA THR A 50 -4.85 -12.26 -2.97
C THR A 50 -4.72 -13.79 -3.07
N LYS A 51 -5.86 -14.53 -3.02
CA LYS A 51 -5.83 -15.98 -3.15
C LYS A 51 -5.24 -16.44 -4.49
N THR A 52 -5.46 -15.64 -5.55
CA THR A 52 -5.01 -15.96 -6.93
C THR A 52 -3.73 -15.25 -7.35
N ILE A 53 -3.41 -14.08 -6.76
CA ILE A 53 -2.23 -13.30 -7.14
C ILE A 53 -1.09 -13.42 -6.11
N ARG A 54 0.07 -13.93 -6.58
CA ARG A 54 1.28 -14.06 -5.79
C ARG A 54 2.35 -13.12 -6.33
N LEU A 55 2.91 -12.27 -5.47
CA LEU A 55 3.97 -11.33 -5.83
C LEU A 55 5.29 -11.94 -5.37
N ASN A 56 6.40 -11.59 -6.05
CA ASN A 56 7.74 -12.07 -5.72
C ASN A 56 8.37 -11.28 -4.56
N ILE A 57 7.94 -10.00 -4.41
CA ILE A 57 8.31 -9.09 -3.29
C ILE A 57 7.04 -8.45 -2.71
N PRO A 58 7.00 -8.19 -1.37
CA PRO A 58 5.77 -7.63 -0.77
C PRO A 58 5.62 -6.11 -0.92
N MET A 59 5.82 -5.58 -2.15
CA MET A 59 5.78 -4.16 -2.45
C MET A 59 4.76 -3.76 -3.48
N LEU A 60 3.93 -2.81 -3.10
CA LEU A 60 2.90 -2.18 -3.91
C LEU A 60 3.24 -0.71 -3.97
N SER A 61 3.18 -0.10 -5.15
CA SER A 61 3.41 1.33 -5.20
C SER A 61 2.08 2.07 -5.04
N ALA A 62 2.12 3.22 -4.33
CA ALA A 62 0.97 4.08 -4.03
C ALA A 62 0.27 4.57 -5.29
N ALA A 63 -1.07 4.58 -5.25
CA ALA A 63 -1.89 5.10 -6.36
C ALA A 63 -1.95 6.63 -6.25
N MET A 64 -0.78 7.28 -6.46
CA MET A 64 -0.65 8.73 -6.35
C MET A 64 -0.12 9.35 -7.64
N ASP A 65 -0.54 10.62 -7.95
CA ASP A 65 -0.16 11.29 -9.21
C ASP A 65 1.33 11.70 -9.26
N THR A 66 2.02 11.66 -8.11
CA THR A 66 3.47 11.94 -8.03
C THR A 66 4.24 10.63 -7.80
N VAL A 67 3.58 9.46 -7.92
CA VAL A 67 4.22 8.16 -7.69
C VAL A 67 4.02 7.12 -8.82
N THR A 68 2.76 6.71 -9.15
CA THR A 68 2.62 5.61 -10.10
C THR A 68 1.85 5.89 -11.37
N GLU A 69 2.59 5.71 -12.48
CA GLU A 69 2.07 5.70 -13.84
C GLU A 69 2.69 4.47 -14.50
N ALA A 70 2.40 4.18 -15.79
CA ALA A 70 2.87 2.95 -16.43
C ALA A 70 4.38 2.65 -16.27
N ARG A 71 5.26 3.66 -16.41
CA ARG A 71 6.72 3.49 -16.29
C ARG A 71 7.13 2.93 -14.93
N LEU A 72 6.62 3.53 -13.82
CA LEU A 72 6.95 3.03 -12.50
C LEU A 72 6.32 1.65 -12.24
N ALA A 73 5.06 1.44 -12.68
CA ALA A 73 4.35 0.17 -12.58
C ALA A 73 5.11 -0.96 -13.32
N ILE A 74 5.77 -0.61 -14.46
CA ILE A 74 6.58 -1.56 -15.21
C ILE A 74 7.83 -1.94 -14.41
N ALA A 75 8.62 -0.94 -13.93
CA ALA A 75 9.83 -1.20 -13.14
C ALA A 75 9.57 -2.02 -11.87
N LEU A 76 8.53 -1.66 -11.08
CA LEU A 76 8.20 -2.40 -9.86
C LEU A 76 7.76 -3.84 -10.15
N ALA A 77 6.90 -4.06 -11.17
CA ALA A 77 6.46 -5.42 -11.57
C ALA A 77 7.68 -6.30 -11.92
N GLN A 78 8.69 -5.70 -12.59
CA GLN A 78 9.95 -6.35 -12.98
C GLN A 78 10.75 -6.78 -11.77
N GLU A 79 10.63 -6.02 -10.65
CA GLU A 79 11.27 -6.32 -9.36
C GLU A 79 10.50 -7.37 -8.55
N GLY A 80 9.27 -7.65 -8.97
CA GLY A 80 8.44 -8.66 -8.33
C GLY A 80 7.24 -8.11 -7.57
N GLY A 81 7.08 -6.80 -7.59
CA GLY A 81 5.98 -6.11 -6.93
C GLY A 81 4.83 -5.81 -7.87
N ILE A 82 4.03 -4.76 -7.57
CA ILE A 82 2.90 -4.32 -8.38
C ILE A 82 2.61 -2.85 -8.19
N GLY A 83 2.38 -2.15 -9.29
CA GLY A 83 2.05 -0.73 -9.29
C GLY A 83 0.56 -0.48 -9.37
N PHE A 84 0.11 0.70 -8.88
CA PHE A 84 -1.29 1.08 -8.94
C PHE A 84 -1.44 2.43 -9.62
N ILE A 85 -1.93 2.43 -10.87
CA ILE A 85 -2.12 3.65 -11.66
C ILE A 85 -3.17 4.53 -10.98
N HIS A 86 -2.79 5.77 -10.66
CA HIS A 86 -3.66 6.74 -10.01
C HIS A 86 -4.84 7.18 -10.89
N LYS A 87 -5.93 7.63 -10.23
CA LYS A 87 -7.19 8.10 -10.82
C LYS A 87 -7.23 9.60 -11.20
N ASN A 88 -6.13 10.33 -10.99
CA ASN A 88 -6.03 11.76 -11.30
C ASN A 88 -5.66 11.99 -12.81
N MET A 89 -6.49 11.41 -13.69
CA MET A 89 -6.39 11.45 -15.15
C MET A 89 -7.70 10.99 -15.79
N SER A 90 -7.81 11.07 -17.13
CA SER A 90 -8.99 10.65 -17.87
C SER A 90 -9.08 9.12 -17.90
N ILE A 91 -10.31 8.60 -18.11
CA ILE A 91 -10.61 7.17 -18.24
C ILE A 91 -9.74 6.55 -19.33
N GLU A 92 -9.68 7.22 -20.51
CA GLU A 92 -8.89 6.82 -21.69
C GLU A 92 -7.38 6.78 -21.42
N ARG A 93 -6.85 7.79 -20.69
CA ARG A 93 -5.43 7.83 -20.32
C ARG A 93 -5.09 6.65 -19.41
N GLN A 94 -5.97 6.39 -18.40
CA GLN A 94 -5.78 5.30 -17.44
C GLN A 94 -5.83 3.92 -18.09
N ALA A 95 -6.80 3.71 -19.02
CA ALA A 95 -6.92 2.46 -19.78
C ALA A 95 -5.66 2.22 -20.62
N GLU A 96 -5.07 3.30 -21.17
CA GLU A 96 -3.85 3.28 -22.00
C GLU A 96 -2.63 2.89 -21.17
N GLU A 97 -2.52 3.45 -19.95
CA GLU A 97 -1.43 3.18 -18.99
C GLU A 97 -1.43 1.69 -18.62
N VAL A 98 -2.62 1.11 -18.37
CA VAL A 98 -2.79 -0.32 -18.03
C VAL A 98 -2.40 -1.23 -19.22
N ARG A 99 -2.82 -0.84 -20.43
CA ARG A 99 -2.51 -1.56 -21.67
C ARG A 99 -0.99 -1.63 -21.91
N ARG A 100 -0.28 -0.50 -21.69
CA ARG A 100 1.17 -0.40 -21.79
C ARG A 100 1.88 -1.40 -20.86
N VAL A 101 1.35 -1.58 -19.62
CA VAL A 101 1.95 -2.52 -18.68
C VAL A 101 1.64 -3.96 -19.07
N LYS A 102 0.36 -4.28 -19.40
CA LYS A 102 -0.05 -5.64 -19.74
C LYS A 102 0.60 -6.19 -21.00
N LYS A 103 0.80 -5.32 -22.00
CA LYS A 103 1.38 -5.75 -23.27
C LYS A 103 2.91 -5.67 -23.34
N HIS A 104 3.62 -5.55 -22.18
CA HIS A 104 5.08 -5.44 -22.09
C HIS A 104 5.80 -6.75 -22.49
N SER A 105 6.61 -7.37 -21.62
CA SER A 105 7.32 -8.56 -22.07
C SER A 105 7.08 -9.80 -21.21
N GLY A 106 7.66 -9.81 -20.01
CA GLY A 106 7.61 -10.95 -19.10
C GLY A 106 6.32 -11.16 -18.33
N GLY A 107 5.17 -10.93 -18.99
CA GLY A 107 3.83 -11.11 -18.44
C GLY A 107 3.64 -10.41 -17.11
N LEU A 108 3.67 -9.06 -17.16
CA LEU A 108 3.62 -8.19 -15.99
C LEU A 108 2.22 -7.86 -15.55
N ARG A 109 2.02 -7.84 -14.23
CA ARG A 109 0.75 -7.53 -13.58
C ARG A 109 0.65 -6.05 -13.25
N VAL A 110 -0.57 -5.52 -13.28
CA VAL A 110 -0.85 -4.13 -12.99
C VAL A 110 -2.18 -3.99 -12.23
N GLY A 111 -2.27 -2.91 -11.47
CA GLY A 111 -3.46 -2.48 -10.76
C GLY A 111 -3.77 -1.05 -11.15
N ALA A 112 -5.01 -0.60 -10.91
CA ALA A 112 -5.46 0.76 -11.21
C ALA A 112 -6.49 1.24 -10.16
N ALA A 113 -6.40 2.51 -9.77
CA ALA A 113 -7.28 3.12 -8.78
C ALA A 113 -8.52 3.77 -9.33
N VAL A 114 -9.62 3.60 -8.59
CA VAL A 114 -10.91 4.21 -8.89
C VAL A 114 -11.49 4.81 -7.62
N GLY A 115 -12.21 5.91 -7.78
CA GLY A 115 -12.93 6.57 -6.70
C GLY A 115 -14.12 5.71 -6.30
N ALA A 116 -14.52 5.80 -5.03
CA ALA A 116 -15.61 5.02 -4.47
C ALA A 116 -16.98 5.71 -4.53
N GLY A 117 -17.02 6.84 -5.24
CA GLY A 117 -18.24 7.61 -5.42
C GLY A 117 -19.03 7.15 -6.64
N ALA A 118 -20.13 7.86 -6.94
CA ALA A 118 -20.98 7.58 -8.09
C ALA A 118 -20.38 8.18 -9.36
N GLY A 119 -20.57 7.49 -10.49
CA GLY A 119 -20.06 7.90 -11.79
C GLY A 119 -18.69 7.34 -12.10
N ASN A 120 -18.41 6.12 -11.61
CA ASN A 120 -17.13 5.43 -11.78
C ASN A 120 -17.27 4.06 -12.44
N GLU A 121 -18.52 3.62 -12.69
CA GLU A 121 -18.87 2.35 -13.34
C GLU A 121 -18.18 2.26 -14.71
N GLU A 122 -18.17 3.39 -15.46
CA GLU A 122 -17.58 3.56 -16.79
C GLU A 122 -16.06 3.40 -16.72
N ARG A 123 -15.40 4.04 -15.71
CA ARG A 123 -13.95 3.97 -15.50
C ARG A 123 -13.53 2.53 -15.24
N VAL A 124 -14.27 1.81 -14.37
CA VAL A 124 -14.06 0.40 -14.03
C VAL A 124 -14.20 -0.49 -15.28
N ASP A 125 -15.22 -0.22 -16.13
CA ASP A 125 -15.50 -0.98 -17.36
C ASP A 125 -14.31 -0.94 -18.32
N ALA A 126 -13.74 0.25 -18.52
CA ALA A 126 -12.59 0.51 -19.38
C ALA A 126 -11.34 -0.18 -18.86
N LEU A 127 -11.13 -0.17 -17.52
CA LEU A 127 -9.99 -0.79 -16.85
C LEU A 127 -9.99 -2.32 -16.98
N VAL A 128 -11.17 -2.97 -16.84
CA VAL A 128 -11.34 -4.42 -16.98
C VAL A 128 -11.03 -4.82 -18.44
N ALA A 129 -11.57 -4.02 -19.40
CA ALA A 129 -11.37 -4.19 -20.85
C ALA A 129 -9.87 -4.15 -21.20
N ALA A 130 -9.14 -3.15 -20.62
CA ALA A 130 -7.70 -2.93 -20.76
C ALA A 130 -6.83 -4.06 -20.17
N GLY A 131 -7.43 -4.95 -19.37
CA GLY A 131 -6.75 -6.10 -18.79
C GLY A 131 -6.20 -5.94 -17.38
N VAL A 132 -6.80 -5.05 -16.56
CA VAL A 132 -6.36 -4.83 -15.16
C VAL A 132 -6.44 -6.14 -14.38
N ASP A 133 -5.37 -6.45 -13.61
CA ASP A 133 -5.28 -7.67 -12.83
C ASP A 133 -5.95 -7.49 -11.48
N VAL A 134 -5.96 -6.25 -10.99
CA VAL A 134 -6.54 -5.89 -9.69
C VAL A 134 -7.03 -4.44 -9.69
N LEU A 135 -8.34 -4.26 -9.38
CA LEU A 135 -8.97 -2.96 -9.30
C LEU A 135 -8.82 -2.49 -7.86
N LEU A 136 -8.38 -1.24 -7.68
CA LEU A 136 -8.24 -0.63 -6.37
C LEU A 136 -9.36 0.37 -6.13
N ILE A 137 -10.26 0.07 -5.18
CA ILE A 137 -11.28 1.05 -4.83
C ILE A 137 -10.61 1.91 -3.75
N ASP A 138 -10.14 3.06 -4.20
CA ASP A 138 -9.31 4.03 -3.50
C ASP A 138 -10.11 5.06 -2.70
N SER A 139 -10.47 4.70 -1.46
CA SER A 139 -11.21 5.63 -0.62
C SER A 139 -10.41 6.12 0.58
N SER A 140 -10.67 7.36 0.97
CA SER A 140 -10.06 7.99 2.16
C SER A 140 -10.75 7.45 3.43
N HIS A 141 -11.92 6.79 3.26
CA HIS A 141 -12.68 6.20 4.36
C HIS A 141 -13.45 4.97 3.88
N GLY A 142 -12.78 3.82 3.89
CA GLY A 142 -13.34 2.56 3.42
C GLY A 142 -14.55 2.04 4.19
N HIS A 143 -14.71 2.51 5.45
CA HIS A 143 -15.83 2.07 6.27
C HIS A 143 -17.10 2.87 5.96
N SER A 144 -17.05 3.77 4.94
CA SER A 144 -18.22 4.55 4.51
C SER A 144 -19.19 3.60 3.75
N GLU A 145 -20.51 3.73 4.02
CA GLU A 145 -21.55 2.88 3.40
C GLU A 145 -21.53 2.90 1.89
N GLY A 146 -21.31 4.10 1.33
CA GLY A 146 -21.22 4.31 -0.12
C GLY A 146 -20.16 3.45 -0.77
N VAL A 147 -18.99 3.36 -0.12
CA VAL A 147 -17.85 2.54 -0.56
C VAL A 147 -18.22 1.06 -0.56
N LEU A 148 -18.76 0.58 0.57
CA LEU A 148 -19.15 -0.81 0.73
C LEU A 148 -20.16 -1.22 -0.36
N GLN A 149 -21.14 -0.36 -0.64
CA GLN A 149 -22.18 -0.62 -1.64
C GLN A 149 -21.58 -0.72 -3.06
N ARG A 150 -20.69 0.22 -3.41
CA ARG A 150 -20.01 0.24 -4.71
C ARG A 150 -19.15 -0.99 -4.92
N ILE A 151 -18.46 -1.49 -3.86
CA ILE A 151 -17.65 -2.70 -4.04
C ILE A 151 -18.60 -3.93 -4.15
N ARG A 152 -19.74 -3.95 -3.44
CA ARG A 152 -20.68 -5.07 -3.56
C ARG A 152 -21.19 -5.15 -5.00
N GLU A 153 -21.42 -3.97 -5.62
CA GLU A 153 -21.90 -3.81 -7.01
C GLU A 153 -20.85 -4.22 -8.03
N THR A 154 -19.56 -3.87 -7.77
CA THR A 154 -18.46 -4.25 -8.67
C THR A 154 -18.29 -5.76 -8.60
N ARG A 155 -18.36 -6.35 -7.37
CA ARG A 155 -18.23 -7.79 -7.14
C ARG A 155 -19.34 -8.59 -7.88
N ALA A 156 -20.59 -8.14 -7.79
CA ALA A 156 -21.75 -8.77 -8.45
C ALA A 156 -21.59 -8.72 -9.99
N LYS A 157 -21.10 -7.58 -10.54
CA LYS A 157 -20.88 -7.40 -11.97
C LYS A 157 -19.69 -8.24 -12.48
N TYR A 158 -18.55 -8.20 -11.75
CA TYR A 158 -17.32 -8.91 -12.08
C TYR A 158 -16.98 -9.89 -10.95
N PRO A 159 -17.51 -11.14 -11.00
CA PRO A 159 -17.30 -12.09 -9.89
C PRO A 159 -15.88 -12.64 -9.70
N ASP A 160 -15.04 -12.57 -10.75
CA ASP A 160 -13.67 -13.09 -10.74
C ASP A 160 -12.61 -12.02 -10.56
N LEU A 161 -12.95 -10.73 -10.81
CA LEU A 161 -12.05 -9.58 -10.70
C LEU A 161 -11.46 -9.46 -9.28
N GLN A 162 -10.12 -9.34 -9.21
CA GLN A 162 -9.45 -9.15 -7.92
C GLN A 162 -9.64 -7.71 -7.52
N ILE A 163 -10.22 -7.49 -6.33
CA ILE A 163 -10.53 -6.14 -5.84
C ILE A 163 -9.82 -5.89 -4.52
N ILE A 164 -9.14 -4.77 -4.43
CA ILE A 164 -8.55 -4.32 -3.16
C ILE A 164 -9.42 -3.14 -2.74
N GLY A 165 -9.88 -3.20 -1.49
CA GLY A 165 -10.68 -2.13 -0.91
C GLY A 165 -9.98 -1.53 0.28
N GLY A 166 -10.07 -0.23 0.40
CA GLY A 166 -9.52 0.52 1.54
C GLY A 166 -9.91 1.98 1.53
N ASN A 167 -9.47 2.77 2.53
CA ASN A 167 -8.62 2.30 3.64
C ASN A 167 -9.45 2.21 4.91
N VAL A 168 -9.06 1.26 5.76
CA VAL A 168 -9.64 1.07 7.10
C VAL A 168 -8.53 1.02 8.16
N ALA A 169 -8.89 1.10 9.44
CA ALA A 169 -7.84 1.01 10.48
C ALA A 169 -8.42 0.31 11.73
N THR A 170 -9.51 -0.48 11.57
CA THR A 170 -10.18 -1.19 12.67
C THR A 170 -10.57 -2.61 12.25
N ALA A 171 -10.87 -3.46 13.23
CA ALA A 171 -11.33 -4.85 13.00
C ALA A 171 -12.69 -4.82 12.25
N ALA A 172 -13.62 -3.94 12.68
CA ALA A 172 -14.97 -3.75 12.08
C ALA A 172 -14.90 -3.31 10.61
N GLY A 173 -13.98 -2.37 10.32
CA GLY A 173 -13.72 -1.87 8.97
C GLY A 173 -13.19 -2.97 8.05
N ALA A 174 -12.22 -3.80 8.56
CA ALA A 174 -11.66 -4.94 7.78
C ALA A 174 -12.75 -5.96 7.45
N ARG A 175 -13.62 -6.31 8.43
N ARG A 175 -13.61 -6.31 8.44
CA ARG A 175 -14.71 -7.28 8.24
CA ARG A 175 -14.70 -7.28 8.26
C ARG A 175 -15.71 -6.74 7.22
C ARG A 175 -15.74 -6.75 7.25
N ALA A 176 -16.05 -5.44 7.29
CA ALA A 176 -16.99 -4.76 6.37
C ALA A 176 -16.51 -4.88 4.90
N LEU A 177 -15.22 -4.55 4.65
CA LEU A 177 -14.63 -4.69 3.30
C LEU A 177 -14.59 -6.16 2.83
N ALA A 178 -14.23 -7.11 3.69
CA ALA A 178 -14.18 -8.55 3.35
C ALA A 178 -15.60 -9.06 3.01
N GLU A 179 -16.59 -8.64 3.77
CA GLU A 179 -17.98 -9.06 3.52
C GLU A 179 -18.53 -8.43 2.24
N ALA A 180 -18.07 -7.21 1.90
CA ALA A 180 -18.48 -6.51 0.69
C ALA A 180 -17.93 -7.16 -0.62
N GLY A 181 -16.93 -8.04 -0.49
CA GLY A 181 -16.36 -8.79 -1.62
C GLY A 181 -14.88 -8.60 -1.89
N CYS A 182 -14.20 -7.71 -1.14
CA CYS A 182 -12.75 -7.46 -1.33
C CYS A 182 -11.91 -8.72 -1.33
N SER A 183 -10.98 -8.82 -2.28
CA SER A 183 -10.00 -9.90 -2.41
C SER A 183 -8.82 -9.60 -1.46
N ALA A 184 -8.57 -8.30 -1.17
CA ALA A 184 -7.57 -7.84 -0.21
C ALA A 184 -8.07 -6.56 0.45
N VAL A 185 -7.67 -6.32 1.72
CA VAL A 185 -8.07 -5.13 2.47
C VAL A 185 -6.82 -4.26 2.74
N LYS A 186 -6.93 -2.96 2.45
CA LYS A 186 -5.86 -1.98 2.65
C LYS A 186 -6.08 -1.22 3.96
N VAL A 187 -5.04 -1.18 4.79
CA VAL A 187 -5.09 -0.53 6.08
C VAL A 187 -4.24 0.71 6.14
N GLY A 188 -4.80 1.76 6.72
CA GLY A 188 -4.12 3.01 6.92
C GLY A 188 -5.00 4.23 6.95
N ILE A 189 -5.28 4.72 8.16
CA ILE A 189 -6.01 5.94 8.37
C ILE A 189 -5.09 6.87 9.15
N GLY A 190 -4.54 7.86 8.43
CA GLY A 190 -3.61 8.85 8.98
C GLY A 190 -2.12 8.57 9.03
N PRO A 191 -1.55 7.39 8.63
CA PRO A 191 -0.10 7.20 8.79
C PRO A 191 0.82 7.77 7.71
N GLY A 192 0.26 8.18 6.58
CA GLY A 192 1.04 8.68 5.43
C GLY A 192 2.00 9.79 5.77
N SER A 193 3.21 9.77 5.17
CA SER A 193 4.24 10.79 5.40
C SER A 193 3.74 12.20 5.05
N ILE A 194 2.83 12.28 4.06
CA ILE A 194 2.25 13.52 3.56
C ILE A 194 0.82 13.78 4.07
N CYS A 195 0.40 13.02 5.07
CA CYS A 195 -0.94 13.13 5.60
C CYS A 195 -1.08 14.18 6.70
N THR A 196 -2.19 14.96 6.66
CA THR A 196 -2.50 15.93 7.72
C THR A 196 -3.88 15.64 8.32
N THR A 197 -4.49 14.48 7.99
CA THR A 197 -5.80 14.07 8.53
C THR A 197 -5.80 14.11 10.06
N ARG A 198 -4.71 13.61 10.70
CA ARG A 198 -4.63 13.61 12.16
C ARG A 198 -4.79 15.01 12.74
N ILE A 199 -4.19 16.02 12.13
CA ILE A 199 -4.26 17.41 12.58
C ILE A 199 -5.59 18.10 12.16
N VAL A 200 -6.04 17.89 10.92
CA VAL A 200 -7.26 18.47 10.35
C VAL A 200 -8.55 17.91 10.99
N THR A 201 -8.68 16.58 11.11
CA THR A 201 -9.90 15.94 11.60
C THR A 201 -9.77 15.38 13.04
N GLY A 202 -8.54 15.18 13.49
CA GLY A 202 -8.31 14.57 14.80
C GLY A 202 -8.44 13.06 14.78
N VAL A 203 -8.65 12.47 13.59
CA VAL A 203 -8.84 11.03 13.38
C VAL A 203 -7.53 10.37 12.90
N GLY A 204 -7.27 9.17 13.41
CA GLY A 204 -6.15 8.33 13.01
C GLY A 204 -5.96 7.14 13.91
N VAL A 205 -5.33 6.10 13.40
CA VAL A 205 -4.98 4.94 14.18
C VAL A 205 -3.51 4.59 13.90
N PRO A 206 -2.64 4.65 14.95
CA PRO A 206 -1.23 4.18 14.81
C PRO A 206 -1.19 2.83 14.08
N GLN A 207 -0.34 2.76 13.02
CA GLN A 207 -0.34 1.73 12.00
C GLN A 207 -0.10 0.32 12.47
N ILE A 208 0.80 0.12 13.44
CA ILE A 208 1.09 -1.24 13.92
C ILE A 208 -0.19 -1.86 14.51
N THR A 209 -0.90 -1.11 15.38
CA THR A 209 -2.17 -1.57 15.95
C THR A 209 -3.25 -1.73 14.86
N ALA A 210 -3.35 -0.76 13.94
CA ALA A 210 -4.34 -0.79 12.86
C ALA A 210 -4.18 -2.08 12.06
N VAL A 211 -2.92 -2.41 11.68
CA VAL A 211 -2.68 -3.63 10.91
C VAL A 211 -3.04 -4.91 11.68
N ALA A 212 -2.54 -5.07 12.95
CA ALA A 212 -2.76 -6.27 13.72
C ALA A 212 -4.26 -6.49 13.97
N ASP A 213 -5.00 -5.40 14.18
CA ASP A 213 -6.45 -5.45 14.41
C ASP A 213 -7.18 -5.97 13.18
N ALA A 214 -6.82 -5.44 12.00
CA ALA A 214 -7.41 -5.85 10.72
C ALA A 214 -7.11 -7.31 10.37
N VAL A 215 -5.85 -7.75 10.61
CA VAL A 215 -5.39 -9.12 10.37
C VAL A 215 -6.11 -10.11 11.32
N GLU A 216 -6.24 -9.74 12.60
CA GLU A 216 -6.94 -10.59 13.58
C GLU A 216 -8.41 -10.80 13.13
N ALA A 217 -9.06 -9.72 12.67
CA ALA A 217 -10.46 -9.74 12.23
C ALA A 217 -10.67 -10.67 11.02
N LEU A 218 -9.65 -10.74 10.13
CA LEU A 218 -9.69 -11.52 8.91
C LEU A 218 -9.06 -12.89 9.02
N GLU A 219 -8.67 -13.31 10.24
CA GLU A 219 -8.04 -14.62 10.42
C GLU A 219 -9.00 -15.73 9.96
N GLY A 220 -8.46 -16.69 9.21
CA GLY A 220 -9.17 -17.83 8.66
C GLY A 220 -9.95 -17.59 7.36
N THR A 221 -9.95 -16.35 6.85
CA THR A 221 -10.69 -15.97 5.63
C THR A 221 -9.86 -16.04 4.35
N GLY A 222 -8.54 -16.05 4.50
CA GLY A 222 -7.62 -16.02 3.37
C GLY A 222 -7.60 -14.69 2.64
N ILE A 223 -8.13 -13.61 3.26
CA ILE A 223 -8.15 -12.26 2.67
C ILE A 223 -6.90 -11.51 3.19
N PRO A 224 -5.88 -11.26 2.34
CA PRO A 224 -4.67 -10.55 2.83
C PRO A 224 -4.91 -9.07 3.19
N VAL A 225 -4.04 -8.56 4.08
CA VAL A 225 -4.04 -7.18 4.52
C VAL A 225 -2.77 -6.49 3.98
N ILE A 226 -2.97 -5.30 3.41
CA ILE A 226 -1.93 -4.43 2.88
C ILE A 226 -1.71 -3.29 3.90
N ALA A 227 -0.44 -3.11 4.34
CA ALA A 227 -0.14 -2.00 5.26
C ALA A 227 0.24 -0.78 4.42
N ASP A 228 -0.67 0.18 4.37
CA ASP A 228 -0.50 1.37 3.55
C ASP A 228 -0.21 2.65 4.30
N GLY A 229 0.99 3.19 4.10
CA GLY A 229 1.35 4.48 4.70
C GLY A 229 2.33 4.43 5.87
N GLY A 230 3.15 5.47 5.95
CA GLY A 230 4.13 5.63 7.02
C GLY A 230 5.40 4.80 6.98
N ILE A 231 5.62 3.99 5.92
CA ILE A 231 6.84 3.18 5.79
C ILE A 231 7.96 4.18 5.39
N ARG A 232 8.96 4.34 6.27
CA ARG A 232 10.06 5.28 6.01
C ARG A 232 11.34 4.54 5.71
N PHE A 233 11.56 3.44 6.44
CA PHE A 233 12.75 2.59 6.37
C PHE A 233 12.38 1.15 6.12
N SER A 234 13.37 0.30 5.70
CA SER A 234 13.12 -1.12 5.47
C SER A 234 12.70 -1.84 6.77
N GLY A 235 13.11 -1.29 7.92
CA GLY A 235 12.72 -1.81 9.23
C GLY A 235 11.21 -1.71 9.43
N ASP A 236 10.58 -0.63 8.93
CA ASP A 236 9.12 -0.39 8.97
C ASP A 236 8.40 -1.50 8.13
N ILE A 237 8.98 -1.91 6.98
CA ILE A 237 8.40 -2.98 6.16
C ILE A 237 8.30 -4.29 6.98
N ALA A 238 9.41 -4.68 7.58
CA ALA A 238 9.54 -5.86 8.43
C ALA A 238 8.50 -5.81 9.57
N LYS A 239 8.36 -4.65 10.24
CA LYS A 239 7.42 -4.46 11.36
C LYS A 239 5.97 -4.61 10.90
N ALA A 240 5.63 -4.01 9.76
CA ALA A 240 4.28 -4.06 9.17
C ALA A 240 3.94 -5.53 8.86
N ILE A 241 4.89 -6.27 8.27
CA ILE A 241 4.67 -7.68 7.94
C ILE A 241 4.52 -8.53 9.21
N ALA A 242 5.40 -8.37 10.22
CA ALA A 242 5.29 -9.14 11.46
C ALA A 242 3.98 -8.77 12.22
N ALA A 243 3.43 -7.53 11.97
CA ALA A 243 2.13 -7.12 12.56
C ALA A 243 0.98 -7.92 11.87
N GLY A 244 1.31 -8.63 10.77
CA GLY A 244 0.36 -9.46 10.05
C GLY A 244 0.09 -9.11 8.59
N ALA A 245 0.59 -7.93 8.08
CA ALA A 245 0.36 -7.54 6.68
C ALA A 245 1.07 -8.52 5.75
N SER A 246 0.43 -8.85 4.63
CA SER A 246 0.97 -9.73 3.61
C SER A 246 1.87 -8.93 2.68
N ALA A 247 1.62 -7.62 2.59
CA ALA A 247 2.37 -6.70 1.74
C ALA A 247 2.25 -5.29 2.28
N VAL A 248 3.10 -4.39 1.76
CA VAL A 248 3.10 -2.98 2.11
C VAL A 248 2.90 -2.12 0.86
N MET A 249 2.31 -0.95 1.03
CA MET A 249 2.13 0.05 0.00
C MET A 249 2.94 1.26 0.35
N VAL A 250 3.77 1.71 -0.61
CA VAL A 250 4.69 2.82 -0.38
C VAL A 250 4.50 3.98 -1.36
N GLY A 251 4.56 5.18 -0.82
CA GLY A 251 4.45 6.44 -1.54
C GLY A 251 5.78 7.17 -1.54
N SER A 252 6.18 7.73 -0.37
CA SER A 252 7.43 8.48 -0.23
C SER A 252 8.70 7.69 -0.61
N MET A 253 8.75 6.37 -0.29
CA MET A 253 9.87 5.47 -0.58
C MET A 253 10.17 5.39 -2.11
N LEU A 254 9.13 5.56 -2.96
CA LEU A 254 9.27 5.49 -4.42
C LEU A 254 9.16 6.83 -5.12
N ALA A 255 8.73 7.87 -4.38
CA ALA A 255 8.64 9.24 -4.88
C ALA A 255 10.09 9.70 -5.19
N GLY A 256 10.26 10.51 -6.23
CA GLY A 256 11.58 10.96 -6.62
C GLY A 256 12.43 9.97 -7.40
N THR A 257 11.91 8.74 -7.67
CA THR A 257 12.65 7.77 -8.48
C THR A 257 12.56 8.20 -9.96
N GLU A 258 13.53 7.78 -10.79
CA GLU A 258 13.54 8.13 -12.22
C GLU A 258 12.22 7.72 -12.92
N GLU A 259 11.69 6.54 -12.56
CA GLU A 259 10.48 5.93 -13.13
C GLU A 259 9.16 6.61 -12.77
N SER A 260 9.11 7.33 -11.62
CA SER A 260 7.92 8.05 -11.14
C SER A 260 7.51 9.18 -12.10
N PRO A 261 6.23 9.63 -12.13
CA PRO A 261 5.84 10.70 -13.06
C PRO A 261 6.42 12.07 -12.67
N GLY A 262 6.23 13.05 -13.55
CA GLY A 262 6.70 14.40 -13.34
C GLY A 262 8.15 14.59 -13.74
N GLU A 263 8.57 15.86 -13.85
CA GLU A 263 9.92 16.25 -14.24
C GLU A 263 10.83 16.45 -13.04
N ILE A 264 12.15 16.26 -13.26
CA ILE A 264 13.15 16.47 -12.22
C ILE A 264 13.46 17.97 -12.17
N GLU A 265 13.39 18.56 -10.98
CA GLU A 265 13.66 19.97 -10.72
C GLU A 265 15.05 20.17 -10.11
N LEU A 266 15.64 21.36 -10.32
CA LEU A 266 16.94 21.78 -9.80
C LEU A 266 16.69 23.00 -8.91
N TYR A 267 16.90 22.86 -7.60
CA TYR A 267 16.68 23.96 -6.65
C TYR A 267 17.96 24.78 -6.50
N GLN A 268 19.03 24.16 -5.95
CA GLN A 268 20.35 24.78 -5.78
C GLN A 268 21.43 23.72 -5.81
N GLY A 269 21.69 23.22 -7.02
CA GLY A 269 22.66 22.16 -7.28
C GLY A 269 22.09 20.76 -7.18
N ARG A 270 21.20 20.55 -6.17
CA ARG A 270 20.55 19.27 -5.85
C ARG A 270 19.27 19.03 -6.68
N SER A 271 19.08 17.76 -7.14
CA SER A 271 17.92 17.33 -7.95
C SER A 271 16.72 16.89 -7.08
N TYR A 272 15.51 17.31 -7.47
CA TYR A 272 14.27 17.00 -6.74
C TYR A 272 13.10 16.61 -7.63
N LYS A 273 12.08 15.97 -7.03
CA LYS A 273 10.84 15.63 -7.71
C LYS A 273 9.69 16.01 -6.76
N SER A 274 8.51 16.25 -7.32
CA SER A 274 7.34 16.62 -6.53
C SER A 274 6.78 15.38 -5.84
N TYR A 275 6.27 15.58 -4.61
CA TYR A 275 5.59 14.52 -3.86
C TYR A 275 4.50 15.21 -3.07
N ARG A 276 3.24 14.84 -3.32
CA ARG A 276 2.12 15.48 -2.65
C ARG A 276 1.01 14.49 -2.33
N GLY A 277 0.24 14.78 -1.27
CA GLY A 277 -0.90 13.95 -0.95
C GLY A 277 -2.00 14.09 -1.99
N MET A 278 -2.83 13.07 -2.17
CA MET A 278 -3.94 13.15 -3.11
C MET A 278 -5.04 14.08 -2.57
N GLY A 279 -4.96 14.40 -1.29
CA GLY A 279 -5.85 15.32 -0.59
C GLY A 279 -5.21 16.67 -0.40
N SER A 280 -4.12 16.97 -1.14
CA SER A 280 -3.44 18.27 -1.09
C SER A 280 -4.21 19.29 -1.95
N LEU A 281 -3.99 20.61 -1.75
CA LEU A 281 -4.66 21.67 -2.55
C LEU A 281 -4.45 21.48 -4.06
N GLY A 282 -3.23 21.10 -4.46
CA GLY A 282 -2.81 20.87 -5.83
C GLY A 282 -3.45 19.67 -6.50
N ALA A 283 -3.39 18.48 -5.85
CA ALA A 283 -3.98 17.24 -6.36
C ALA A 283 -5.50 17.33 -6.48
N MET A 284 -6.13 18.12 -5.57
CA MET A 284 -7.57 18.33 -5.50
C MET A 284 -8.06 19.21 -6.67
N SER A 285 -7.33 20.30 -6.99
CA SER A 285 -7.68 21.21 -8.10
C SER A 285 -7.43 20.56 -9.47
N LYS A 301 -16.63 19.79 -2.19
CA LYS A 301 -15.28 20.26 -1.91
C LYS A 301 -14.87 20.02 -0.45
N LEU A 302 -13.67 19.46 -0.27
CA LEU A 302 -13.15 19.14 1.07
C LEU A 302 -11.95 19.98 1.45
N VAL A 303 -11.75 20.20 2.75
CA VAL A 303 -10.58 20.91 3.27
C VAL A 303 -9.35 19.96 3.03
N PRO A 304 -8.17 20.48 2.65
CA PRO A 304 -7.03 19.57 2.38
C PRO A 304 -6.64 18.70 3.57
N GLU A 305 -6.22 17.47 3.27
CA GLU A 305 -5.73 16.52 4.26
C GLU A 305 -4.35 16.02 3.88
N GLY A 306 -3.70 16.74 2.97
CA GLY A 306 -2.36 16.40 2.51
C GLY A 306 -1.52 17.61 2.18
N ILE A 307 -0.20 17.44 2.29
CA ILE A 307 0.75 18.51 1.98
C ILE A 307 1.34 18.31 0.56
N GLU A 308 1.97 19.39 0.04
CA GLU A 308 2.66 19.43 -1.25
C GLU A 308 4.13 19.65 -0.92
N GLY A 309 4.99 18.75 -1.37
CA GLY A 309 6.41 18.86 -1.10
C GLY A 309 7.34 18.44 -2.23
N ARG A 310 8.64 18.65 -1.98
CA ARG A 310 9.75 18.29 -2.86
C ARG A 310 10.49 17.17 -2.15
N VAL A 311 10.80 16.13 -2.90
CA VAL A 311 11.56 14.98 -2.43
C VAL A 311 12.88 14.93 -3.23
N ALA A 312 13.99 14.53 -2.59
CA ALA A 312 15.28 14.41 -3.29
C ALA A 312 15.20 13.29 -4.33
N TYR A 313 15.81 13.51 -5.51
CA TYR A 313 15.86 12.53 -6.59
C TYR A 313 16.59 11.28 -6.08
N LYS A 314 15.92 10.13 -6.16
CA LYS A 314 16.38 8.82 -5.63
C LYS A 314 17.12 7.93 -6.64
N GLY A 315 17.01 8.26 -7.91
CA GLY A 315 17.61 7.49 -8.99
C GLY A 315 16.71 6.36 -9.43
N ARG A 316 17.32 5.30 -9.96
CA ARG A 316 16.63 4.11 -10.47
C ARG A 316 15.96 3.35 -9.33
N LEU A 317 14.70 2.95 -9.57
CA LEU A 317 13.83 2.16 -8.67
C LEU A 317 14.53 0.85 -8.24
N LYS A 318 15.25 0.17 -9.19
CA LYS A 318 16.00 -1.07 -8.97
C LYS A 318 16.92 -1.04 -7.76
N GLU A 319 17.72 0.05 -7.61
CA GLU A 319 18.62 0.14 -6.46
C GLU A 319 17.86 0.37 -5.15
N ILE A 320 16.74 1.13 -5.19
CA ILE A 320 15.90 1.38 -4.00
C ILE A 320 15.35 0.03 -3.50
N ILE A 321 14.76 -0.76 -4.41
CA ILE A 321 14.19 -2.08 -4.11
C ILE A 321 15.27 -3.01 -3.55
N HIS A 322 16.46 -3.09 -4.21
CA HIS A 322 17.54 -3.91 -3.70
C HIS A 322 17.91 -3.54 -2.27
N GLN A 323 18.03 -2.25 -1.95
CA GLN A 323 18.38 -1.80 -0.59
C GLN A 323 17.30 -2.18 0.42
N GLN A 324 16.03 -1.85 0.10
CA GLN A 324 14.90 -2.09 1.01
C GLN A 324 14.63 -3.57 1.24
N MET A 325 14.68 -4.39 0.17
CA MET A 325 14.49 -5.83 0.29
C MET A 325 15.66 -6.50 1.03
N GLY A 326 16.86 -5.94 0.89
CA GLY A 326 18.05 -6.38 1.61
C GLY A 326 17.88 -6.23 3.12
N GLY A 327 17.27 -5.12 3.54
CA GLY A 327 16.93 -4.84 4.94
C GLY A 327 15.97 -5.88 5.50
N LEU A 328 14.91 -6.17 4.69
CA LEU A 328 13.92 -7.22 4.99
C LEU A 328 14.57 -8.58 5.08
N ARG A 329 15.51 -8.90 4.15
CA ARG A 329 16.26 -10.16 4.16
C ARG A 329 17.04 -10.36 5.47
N SER A 330 17.76 -9.30 5.93
CA SER A 330 18.54 -9.33 7.15
C SER A 330 17.66 -9.50 8.38
N CYS A 331 16.45 -8.92 8.34
CA CYS A 331 15.47 -9.11 9.41
C CYS A 331 15.07 -10.59 9.50
N MET A 332 14.76 -11.20 8.34
CA MET A 332 14.39 -12.61 8.23
C MET A 332 15.48 -13.51 8.78
N GLY A 333 16.74 -13.18 8.49
CA GLY A 333 17.87 -13.87 9.12
C GLY A 333 17.89 -13.72 10.63
N LEU A 334 17.80 -12.48 11.15
CA LEU A 334 17.79 -12.21 12.59
C LEU A 334 16.61 -12.84 13.37
N THR A 335 15.42 -12.93 12.73
CA THR A 335 14.20 -13.49 13.34
C THR A 335 14.01 -15.00 13.07
N GLY A 336 14.78 -15.57 12.15
CA GLY A 336 14.66 -16.99 11.81
C GLY A 336 13.38 -17.34 11.07
N CYS A 337 12.86 -16.39 10.30
CA CYS A 337 11.66 -16.52 9.47
C CYS A 337 12.09 -16.60 8.03
N GLY A 338 12.02 -17.79 7.42
CA GLY A 338 12.43 -17.99 6.03
C GLY A 338 11.49 -17.55 4.93
N THR A 339 10.23 -17.28 5.26
CA THR A 339 9.22 -16.87 4.30
C THR A 339 8.44 -15.67 4.85
N ILE A 340 7.69 -14.98 3.97
CA ILE A 340 6.83 -13.87 4.40
C ILE A 340 5.78 -14.39 5.41
N ASP A 341 5.20 -15.58 5.15
CA ASP A 341 4.22 -16.20 6.05
C ASP A 341 4.76 -16.46 7.44
N GLU A 342 6.04 -16.91 7.56
CA GLU A 342 6.67 -17.13 8.84
C GLU A 342 6.86 -15.79 9.58
N LEU A 343 7.35 -14.75 8.88
CA LEU A 343 7.52 -13.39 9.45
C LEU A 343 6.19 -12.86 10.00
N ARG A 344 5.10 -13.02 9.21
CA ARG A 344 3.72 -12.62 9.56
C ARG A 344 3.18 -13.29 10.84
N THR A 345 3.55 -14.55 11.10
CA THR A 345 2.96 -15.37 12.17
C THR A 345 3.86 -15.79 13.32
N LYS A 346 5.21 -15.79 13.15
CA LYS A 346 6.13 -16.25 14.20
C LYS A 346 6.87 -15.11 14.92
N ALA A 347 7.35 -14.09 14.18
CA ALA A 347 8.19 -13.00 14.76
C ALA A 347 7.48 -12.26 15.88
N GLU A 348 8.23 -11.98 16.95
CA GLU A 348 7.76 -11.29 18.15
C GLU A 348 8.33 -9.89 18.24
N PHE A 349 7.61 -9.03 18.97
CA PHE A 349 8.02 -7.65 19.23
C PHE A 349 8.28 -7.41 20.71
N VAL A 350 9.01 -6.32 21.00
CA VAL A 350 9.15 -5.76 22.36
C VAL A 350 8.62 -4.34 22.21
N ARG A 351 7.98 -3.81 23.26
CA ARG A 351 7.50 -2.43 23.27
C ARG A 351 8.65 -1.59 23.87
N ILE A 352 8.96 -0.44 23.26
CA ILE A 352 10.04 0.41 23.76
C ILE A 352 9.53 1.80 24.16
N SER A 353 10.31 2.53 24.95
CA SER A 353 9.94 3.87 25.37
C SER A 353 10.45 4.93 24.39
N GLY A 354 10.14 6.19 24.66
CA GLY A 354 10.67 7.31 23.89
C GLY A 354 12.20 7.34 23.90
N ALA A 355 12.81 6.86 25.00
CA ALA A 355 14.26 6.77 25.19
C ALA A 355 14.89 5.68 24.31
N GLY A 356 14.14 4.60 24.07
CA GLY A 356 14.56 3.46 23.24
C GLY A 356 14.84 3.79 21.79
P IMP B . 3.74 7.19 2.54
O1P IMP B . 4.01 7.32 4.03
O2P IMP B . 4.13 8.42 1.84
O3P IMP B . 4.29 5.98 1.95
O5' IMP B . 2.12 7.09 2.38
C5' IMP B . 1.43 7.09 1.11
C4' IMP B . -0.03 6.78 1.39
O4' IMP B . -0.65 7.93 2.00
C3' IMP B . -0.91 6.49 0.18
O3' IMP B . -0.77 5.17 -0.33
C2' IMP B . -2.31 6.77 0.72
O2' IMP B . -2.92 5.74 1.48
C1' IMP B . -2.04 7.93 1.68
N9 IMP B . -2.39 9.25 1.14
C8 IMP B . -2.16 9.74 -0.12
N7 IMP B . -2.47 11.01 -0.26
C5 IMP B . -2.95 11.38 1.00
C6 IMP B . -3.42 12.63 1.52
O6 IMP B . -3.45 13.73 0.97
N1 IMP B . -3.85 12.51 2.85
C2 IMP B . -3.79 11.39 3.57
N3 IMP B . -3.32 10.25 3.16
C4 IMP B . -2.92 10.29 1.86
HOP2 IMP B . 3.59 9.26 1.87
HOP3 IMP B . 3.61 5.34 1.60
H5'1 IMP B . 1.83 6.32 0.46
H5'2 IMP B . 1.58 8.07 0.67
H4' IMP B . -0.09 5.96 2.10
H3' IMP B . -0.68 7.11 -0.68
HO3' IMP B . 0.18 4.89 -0.43
H2' IMP B . -2.98 7.06 -0.09
HO2' IMP B . -2.24 5.46 2.15
H1' IMP B . -2.56 7.82 2.63
H8 IMP B . -1.81 9.10 -0.93
HN1 IMP B . -4.32 13.30 3.28
H2 IMP B . -4.28 11.40 4.55
C4 VOA C . -10.52 13.28 2.17
C7 VOA C . -12.40 12.76 3.75
C8 VOA C . -12.80 12.86 5.09
C9 VOA C . -14.02 12.28 5.48
C10 VOA C . -14.76 11.60 4.52
C12 VOA C . -13.23 12.09 2.85
C1 VOA C . -9.53 15.53 1.87
C15 VOA C . -7.66 12.35 1.02
C16 VOA C . -7.22 11.78 -0.19
C17 VOA C . -6.54 10.58 -0.20
C18 VOA C . -6.35 9.86 1.01
C19 VOA C . -6.81 10.43 2.25
C2 VOA C . -9.23 14.05 2.05
C20 VOA C . -7.43 11.70 2.23
C21 VOA C . -6.63 9.67 3.46
C22 VOA C . -6.08 8.42 3.35
C23 VOA C . -5.64 7.93 2.11
C25 VOA C . -5.82 7.57 4.59
C27 VOA C . -7.25 9.07 5.85
C28 VOA C . -7.13 10.20 4.80
N11 VOA C . -14.36 11.53 3.26
N14 VOA C . -8.34 13.58 0.99
N24 VOA C . -5.77 8.65 1.01
N6 VOA C . -11.18 13.38 3.36
O26 VOA C . -6.08 8.27 5.83
O5 VOA C . -10.92 12.60 1.25
CL13 VOA C . -16.26 10.84 4.91
H3 VOA C . -8.72 13.94 2.99
#